data_4KMN
#
_entry.id   4KMN
#
_cell.length_a   67.714
_cell.length_b   67.714
_cell.length_c   66.913
_cell.angle_alpha   90.00
_cell.angle_beta   90.00
_cell.angle_gamma   120.00
#
_symmetry.space_group_name_H-M   'P 32 2 1'
#
loop_
_entity.id
_entity.type
_entity.pdbx_description
1 polymer 'Baculoviral IAP repeat-containing protein 2'
2 non-polymer 'ZINC ION'
3 non-polymer "(2S)-N-{(2R)-1-[(2R,4S)-2-{[6,6'-difluoro-3'-({(2R,4S)-4-hydroxy-1-[(2S)-2-{[(2S)-2-(methylamino)propanoyl]amino}butanoyl]pyrrolidin-2-yl}methyl)-1H,1'H-2,2'-biindol-3-yl]methyl}-4-hydroxypyrrolidin-1-yl]-1-oxobutan-2-yl}-2-(methylamino)propanamide"
4 non-polymer 'PHOSPHATE ION'
5 water water
#
_entity_poly.entity_id   1
_entity_poly.type   'polypeptide(L)'
_entity_poly.pdbx_seq_one_letter_code
;AAASISNLSMQTHAARMRTFMYWPSSVPVQPEQLASAGFYYVGRNDDVKCFCCDGGLRCWESGDDPWVEHAKWFPRCEFL
IRMKGQEFVDEIQGRYPHLLEAA
;
_entity_poly.pdbx_strand_id   A
#
loop_
_chem_comp.id
_chem_comp.type
_chem_comp.name
_chem_comp.formula
436 non-polymer (2S)-N-{(2R)-1-[(2R,4S)-2-{[6,6'-difluoro-3'-({(2R,4S)-4-hydroxy-1-[(2S)-2-{[(2S)-2-(methylamino)propanoyl]amino}butanoyl]pyrrolidin-2-yl}methyl)-1H,1'H-2,2'-biindol-3-yl]methyl}-4-hydroxypyrrolidin-1-yl]-1-oxobutan-2-yl}-2-(methylamino)propanamide 'C42 H56 F2 N8 O6'
PO4 non-polymer 'PHOSPHATE ION' 'O4 P -3'
ZN non-polymer 'ZINC ION' 'Zn 2'
#
# COMPACT_ATOMS: atom_id res chain seq x y z
N ALA A 1 -15.64 -11.82 10.61
CA ALA A 1 -16.48 -11.14 9.63
C ALA A 1 -15.65 -10.11 8.85
N ALA A 2 -15.95 -9.96 7.55
CA ALA A 2 -15.25 -9.01 6.69
C ALA A 2 -16.04 -7.70 6.54
N ALA A 3 -15.32 -6.59 6.58
CA ALA A 3 -15.95 -5.27 6.48
C ALA A 3 -15.92 -4.80 5.03
N SER A 4 -16.26 -3.54 4.83
CA SER A 4 -16.41 -3.07 3.49
C SER A 4 -15.08 -3.16 2.72
N ILE A 5 -15.22 -3.33 1.41
CA ILE A 5 -14.13 -3.19 0.46
C ILE A 5 -14.49 -1.99 -0.39
N SER A 6 -13.54 -1.04 -0.53
CA SER A 6 -13.81 0.17 -1.27
C SER A 6 -14.01 -0.06 -2.76
N ASN A 7 -13.19 -0.94 -3.32
CA ASN A 7 -13.21 -1.18 -4.74
C ASN A 7 -13.19 -2.66 -5.06
N LEU A 8 -14.38 -3.24 -5.18
CA LEU A 8 -14.50 -4.65 -5.50
C LEU A 8 -13.89 -5.02 -6.84
N SER A 9 -13.92 -4.09 -7.78
CA SER A 9 -13.42 -4.35 -9.11
C SER A 9 -11.90 -4.65 -9.10
N MET A 10 -11.22 -4.19 -8.05
CA MET A 10 -9.77 -4.34 -7.93
C MET A 10 -9.35 -5.30 -6.83
N GLN A 11 -10.23 -6.22 -6.46
CA GLN A 11 -9.90 -7.12 -5.34
C GLN A 11 -8.93 -8.25 -5.72
N THR A 12 -8.76 -8.52 -7.01
CA THR A 12 -7.81 -9.53 -7.49
C THR A 12 -6.48 -8.94 -7.91
N HIS A 13 -5.41 -9.70 -7.68
CA HIS A 13 -4.06 -9.28 -8.01
C HIS A 13 -3.94 -9.04 -9.51
N ALA A 14 -4.52 -9.92 -10.34
CA ALA A 14 -4.45 -9.71 -11.80
C ALA A 14 -5.09 -8.40 -12.22
N ALA A 15 -6.24 -8.06 -11.62
CA ALA A 15 -6.91 -6.82 -11.96
C ALA A 15 -6.03 -5.64 -11.59
N ARG A 16 -5.37 -5.72 -10.43
CA ARG A 16 -4.53 -4.60 -10.00
C ARG A 16 -3.32 -4.49 -10.93
N MET A 17 -2.77 -5.62 -11.34
CA MET A 17 -1.61 -5.61 -12.22
C MET A 17 -1.91 -4.91 -13.55
N ARG A 18 -3.10 -5.15 -14.08
CA ARG A 18 -3.48 -4.62 -15.38
C ARG A 18 -3.51 -3.09 -15.41
N THR A 19 -3.66 -2.46 -14.25
CA THR A 19 -3.72 -1.00 -14.18
C THR A 19 -2.36 -0.34 -14.41
N PHE A 20 -1.28 -1.10 -14.31
CA PHE A 20 0.07 -0.52 -14.31
C PHE A 20 0.67 -0.40 -15.72
N MET A 21 -0.19 -0.43 -16.74
CA MET A 21 0.22 -0.26 -18.14
C MET A 21 1.25 0.85 -18.36
N TYR A 22 0.96 2.04 -17.82
CA TYR A 22 1.80 3.21 -18.06
C TYR A 22 2.51 3.69 -16.81
N TRP A 23 2.80 2.76 -15.91
CA TRP A 23 3.55 3.08 -14.71
C TRP A 23 4.90 3.65 -15.10
N PRO A 24 5.28 4.80 -14.51
CA PRO A 24 6.51 5.42 -14.99
C PRO A 24 7.76 4.57 -14.66
N SER A 25 8.62 4.41 -15.65
CA SER A 25 9.79 3.55 -15.51
C SER A 25 10.79 4.10 -14.50
N SER A 26 10.68 5.39 -14.21
CA SER A 26 11.62 6.05 -13.30
C SER A 26 11.35 5.68 -11.85
N VAL A 27 10.15 5.22 -11.54
CA VAL A 27 9.78 4.93 -10.16
C VAL A 27 10.45 3.63 -9.68
N PRO A 28 11.15 3.71 -8.54
CA PRO A 28 11.98 2.62 -8.01
C PRO A 28 11.17 1.58 -7.21
N VAL A 29 9.88 1.51 -7.47
CA VAL A 29 9.05 0.47 -6.89
C VAL A 29 8.27 -0.13 -8.07
N GLN A 30 8.13 -1.45 -8.06
CA GLN A 30 7.60 -2.17 -9.21
C GLN A 30 6.13 -2.52 -9.02
N PRO A 31 5.41 -2.63 -10.12
CA PRO A 31 3.99 -2.97 -10.07
C PRO A 31 3.69 -4.21 -9.24
N GLU A 32 4.46 -5.28 -9.38
CA GLU A 32 4.13 -6.49 -8.62
C GLU A 32 4.16 -6.25 -7.10
N GLN A 33 5.15 -5.51 -6.61
CA GLN A 33 5.27 -5.20 -5.18
C GLN A 33 4.04 -4.43 -4.69
N LEU A 34 3.57 -3.50 -5.53
CA LEU A 34 2.43 -2.68 -5.18
C LEU A 34 1.14 -3.51 -5.20
N ALA A 35 0.92 -4.24 -6.28
CA ALA A 35 -0.28 -5.06 -6.44
C ALA A 35 -0.41 -6.11 -5.35
N SER A 36 0.71 -6.74 -4.97
CA SER A 36 0.67 -7.73 -3.91
C SER A 36 0.21 -7.16 -2.57
N ALA A 37 0.50 -5.87 -2.36
CA ALA A 37 0.17 -5.18 -1.12
C ALA A 37 -1.17 -4.49 -1.20
N GLY A 38 -1.93 -4.79 -2.25
CA GLY A 38 -3.30 -4.31 -2.37
C GLY A 38 -3.49 -3.08 -3.23
N PHE A 39 -2.40 -2.55 -3.77
CA PHE A 39 -2.46 -1.30 -4.52
C PHE A 39 -2.67 -1.45 -6.01
N TYR A 40 -3.43 -0.52 -6.57
CA TYR A 40 -3.57 -0.40 -8.02
C TYR A 40 -3.30 1.04 -8.47
N TYR A 41 -2.91 1.20 -9.73
CA TYR A 41 -2.55 2.51 -10.28
C TYR A 41 -3.77 3.30 -10.63
N VAL A 42 -3.74 4.58 -10.26
CA VAL A 42 -4.81 5.55 -10.53
C VAL A 42 -4.65 6.18 -11.90
N GLY A 43 -3.48 6.01 -12.52
CA GLY A 43 -3.29 6.50 -13.87
C GLY A 43 -2.66 7.87 -14.01
N ARG A 44 -2.05 8.34 -12.94
CA ARG A 44 -1.41 9.65 -12.96
C ARG A 44 -0.19 9.58 -12.05
N ASN A 45 0.89 10.21 -12.49
CA ASN A 45 2.14 10.22 -11.74
C ASN A 45 2.47 8.83 -11.19
N ASP A 46 2.71 8.71 -9.87
CA ASP A 46 2.90 7.38 -9.26
C ASP A 46 1.86 7.12 -8.15
N ASP A 47 0.67 7.67 -8.36
CA ASP A 47 -0.44 7.55 -7.41
C ASP A 47 -1.07 6.16 -7.47
N VAL A 48 -1.16 5.51 -6.32
CA VAL A 48 -1.84 4.22 -6.22
C VAL A 48 -2.84 4.28 -5.08
N LYS A 49 -3.82 3.39 -5.10
CA LYS A 49 -4.79 3.26 -4.01
C LYS A 49 -4.97 1.81 -3.65
N CYS A 50 -5.30 1.54 -2.39
CA CYS A 50 -5.63 0.20 -1.92
C CYS A 50 -7.10 -0.14 -2.22
N PHE A 51 -7.34 -1.32 -2.77
CA PHE A 51 -8.69 -1.73 -3.12
C PHE A 51 -9.56 -1.87 -1.87
N CYS A 52 -8.94 -2.16 -0.72
CA CYS A 52 -9.72 -2.39 0.49
C CYS A 52 -10.05 -1.11 1.25
N CYS A 53 -9.02 -0.38 1.70
CA CYS A 53 -9.17 0.81 2.55
C CYS A 53 -9.28 2.14 1.79
N ASP A 54 -9.00 2.10 0.50
CA ASP A 54 -8.99 3.28 -0.39
C ASP A 54 -7.91 4.27 -0.03
N GLY A 55 -6.94 3.84 0.77
CA GLY A 55 -5.75 4.63 1.03
C GLY A 55 -4.89 4.87 -0.20
N GLY A 56 -4.56 6.13 -0.45
CA GLY A 56 -3.74 6.53 -1.58
C GLY A 56 -2.32 6.85 -1.15
N LEU A 57 -1.36 6.44 -1.96
CA LEU A 57 0.05 6.75 -1.74
C LEU A 57 0.71 7.17 -3.05
N ARG A 58 1.64 8.10 -2.94
CA ARG A 58 2.42 8.61 -4.07
C ARG A 58 3.83 8.95 -3.59
N CYS A 59 4.66 9.46 -4.52
CA CYS A 59 6.02 9.87 -4.20
C CYS A 59 6.81 8.72 -3.60
N TRP A 60 6.74 7.58 -4.28
CA TRP A 60 7.48 6.40 -3.90
C TRP A 60 8.99 6.63 -4.04
N GLU A 61 9.72 6.27 -3.00
CA GLU A 61 11.16 6.48 -2.94
C GLU A 61 11.92 5.17 -3.00
N SER A 62 13.18 5.28 -3.38
CA SER A 62 14.06 4.13 -3.42
C SER A 62 14.10 3.45 -2.06
N GLY A 63 13.82 2.15 -2.05
CA GLY A 63 13.82 1.39 -0.82
C GLY A 63 12.48 1.27 -0.13
N ASP A 64 11.46 1.96 -0.64
CA ASP A 64 10.12 1.86 -0.10
C ASP A 64 9.61 0.45 -0.30
N ASP A 65 8.99 -0.08 0.76
CA ASP A 65 8.35 -1.38 0.74
C ASP A 65 6.87 -1.11 0.84
N PRO A 66 6.11 -1.44 -0.22
CA PRO A 66 4.66 -1.16 -0.19
C PRO A 66 3.95 -1.72 1.04
N TRP A 67 4.33 -2.88 1.55
CA TRP A 67 3.63 -3.37 2.74
C TRP A 67 3.89 -2.48 3.95
N VAL A 68 5.14 -2.04 4.09
CA VAL A 68 5.51 -1.18 5.21
C VAL A 68 4.79 0.18 5.09
N GLU A 69 4.79 0.75 3.90
CA GLU A 69 4.10 2.02 3.69
C GLU A 69 2.59 1.88 3.95
N HIS A 70 2.03 0.74 3.56
CA HIS A 70 0.62 0.44 3.78
C HIS A 70 0.33 0.48 5.29
N ALA A 71 1.21 -0.14 6.07
CA ALA A 71 1.02 -0.22 7.52
C ALA A 71 1.35 1.09 8.23
N LYS A 72 2.28 1.86 7.66
CA LYS A 72 2.69 3.13 8.22
C LYS A 72 1.52 4.14 8.12
N TRP A 73 0.83 4.12 7.00
CA TRP A 73 -0.17 5.13 6.68
C TRP A 73 -1.62 4.70 6.91
N PHE A 74 -1.91 3.41 6.72
CA PHE A 74 -3.27 2.91 6.83
C PHE A 74 -3.36 1.66 7.70
N PRO A 75 -2.94 1.77 8.96
CA PRO A 75 -2.82 0.61 9.84
C PRO A 75 -4.14 -0.09 10.11
N ARG A 76 -5.27 0.55 9.85
CA ARG A 76 -6.54 -0.09 10.17
C ARG A 76 -7.14 -0.84 9.01
N CYS A 77 -6.42 -0.86 7.88
CA CYS A 77 -6.87 -1.57 6.70
C CYS A 77 -7.03 -3.08 7.00
N GLU A 78 -8.22 -3.59 6.75
CA GLU A 78 -8.52 -4.98 7.07
C GLU A 78 -7.72 -5.97 6.20
N PHE A 79 -7.53 -5.65 4.93
CA PHE A 79 -6.73 -6.49 4.04
C PHE A 79 -5.30 -6.58 4.54
N LEU A 80 -4.75 -5.43 4.89
CA LEU A 80 -3.40 -5.37 5.44
C LEU A 80 -3.29 -6.25 6.69
N ILE A 81 -4.20 -6.07 7.63
CA ILE A 81 -4.14 -6.82 8.89
C ILE A 81 -4.23 -8.33 8.61
N ARG A 82 -5.09 -8.74 7.68
CA ARG A 82 -5.25 -10.17 7.42
C ARG A 82 -4.08 -10.76 6.67
N MET A 83 -3.47 -9.99 5.76
CA MET A 83 -2.33 -10.45 4.98
C MET A 83 -1.02 -10.46 5.76
N LYS A 84 -0.85 -9.55 6.71
CA LYS A 84 0.44 -9.37 7.37
C LYS A 84 0.40 -9.69 8.84
N GLY A 85 -0.80 -9.63 9.42
CA GLY A 85 -1.00 -9.90 10.83
C GLY A 85 -0.93 -8.61 11.60
N GLN A 86 -1.61 -8.56 12.74
CA GLN A 86 -1.65 -7.36 13.57
C GLN A 86 -0.27 -7.02 14.15
N GLU A 87 0.56 -8.03 14.38
CA GLU A 87 1.87 -7.78 14.96
C GLU A 87 2.79 -7.03 14.02
N PHE A 88 2.69 -7.32 12.72
CA PHE A 88 3.42 -6.56 11.72
C PHE A 88 3.00 -5.09 11.74
N VAL A 89 1.69 -4.85 11.72
CA VAL A 89 1.18 -3.49 11.74
C VAL A 89 1.62 -2.75 12.99
N ASP A 90 1.51 -3.40 14.14
CA ASP A 90 1.90 -2.79 15.40
C ASP A 90 3.39 -2.44 15.45
N GLU A 91 4.21 -3.32 14.91
CA GLU A 91 5.64 -3.10 14.84
C GLU A 91 5.98 -1.88 14.00
N ILE A 92 5.33 -1.75 12.85
CA ILE A 92 5.53 -0.62 11.98
C ILE A 92 5.07 0.66 12.65
N GLN A 93 3.92 0.59 13.34
CA GLN A 93 3.37 1.76 14.00
C GLN A 93 4.22 2.18 15.20
N GLY A 94 4.95 1.23 15.78
CA GLY A 94 5.82 1.55 16.89
C GLY A 94 7.15 2.10 16.42
N ARG A 95 7.53 1.76 15.19
CA ARG A 95 8.82 2.15 14.61
C ARG A 95 8.80 3.57 14.04
N TYR A 96 7.68 3.95 13.45
CA TYR A 96 7.58 5.23 12.75
C TYR A 96 6.54 6.12 13.43
N PRO A 97 6.75 7.45 13.36
CA PRO A 97 7.93 8.15 12.84
C PRO A 97 9.20 7.87 13.67
N HIS A 98 10.37 7.95 13.05
CA HIS A 98 11.61 7.72 13.78
C HIS A 98 11.76 8.78 14.86
N LEU A 99 12.39 8.35 15.96
CA LEU A 99 12.54 9.18 17.15
C LEU A 99 13.49 10.34 16.90
N LEU A 100 13.05 11.53 17.28
CA LEU A 100 13.91 12.72 17.24
C LEU A 100 14.12 13.15 18.67
N GLU A 101 15.36 13.53 19.00
CA GLU A 101 15.70 13.80 20.39
C GLU A 101 15.62 15.29 20.72
N ALA A 102 14.83 15.59 21.76
CA ALA A 102 14.82 16.88 22.43
C ALA A 102 13.50 17.00 23.18
N ALA A 103 12.42 16.64 22.48
CA ALA A 103 11.10 16.39 23.06
C ALA A 103 10.06 17.02 22.20
ZN ZN B . -5.51 -0.89 2.54
C0 436 C . 7.88 7.78 1.04
N1 436 C . 6.92 6.76 0.67
CA1 436 C . 5.69 7.23 0.05
C1 436 C . 4.89 8.08 0.99
N2 436 C . 3.96 8.89 0.48
CA2 436 C . 3.04 9.69 1.29
C2 436 C . 1.72 9.85 0.59
N3 436 C . 0.65 10.12 1.31
O1 436 C . 5.10 8.05 2.20
O2 436 C . 1.66 9.63 -0.61
CD3 436 C . 0.57 10.23 2.76
CG3 436 C . -0.90 10.43 3.08
CB3 436 C . -1.65 9.93 1.85
CA3 436 C . -0.68 10.15 0.69
CB4 436 C . -0.85 11.54 0.00
CG4 436 C . -2.15 11.51 -0.77
CD2 436 C . -2.51 10.71 -1.96
CE2 436 C . -3.89 11.05 -2.30
NE1 436 C . -4.38 11.96 -1.41
CD1 436 C . -3.37 12.24 -0.53
CZ2 436 C . -4.48 10.43 -3.39
CH2 436 C . -3.74 9.53 -4.14
CZ3 436 C . -2.41 9.19 -3.83
CE3 436 C . -1.78 9.80 -2.72
F 436 C . -4.33 8.94 -5.18
CB1 436 C . 4.87 6.02 -0.37
CB2 436 C . 3.62 11.08 1.59
CG2 436 C . 3.91 11.81 0.29
OG3 436 C . -1.16 11.83 3.22
C5 436 C . -6.82 13.13 -4.86
N6 436 C . -7.53 14.01 -5.79
CA6 436 C . -6.77 14.97 -6.56
C6 436 C . -6.03 15.91 -5.64
N7 436 C . -4.75 16.16 -5.93
CA7 436 C . -3.85 16.79 -4.96
C7 436 C . -3.70 16.00 -3.68
N8 436 C . -3.50 16.70 -2.56
O6 436 C . -6.59 16.40 -4.68
O7 436 C . -3.75 14.77 -3.73
CD8 436 C . -3.53 18.15 -2.38
CG8 436 C . -3.66 18.39 -0.89
CB8 436 C . -2.91 17.20 -0.30
CA8 436 C . -3.15 16.05 -1.28
CB9 436 C . -4.41 15.35 -0.83
CG9 436 C . -4.03 14.60 0.43
CD7 436 C . -4.05 15.09 1.83
CE7 436 C . -3.63 13.97 2.69
NE6 436 C . -3.37 12.89 1.90
CD6 436 C . -3.57 13.21 0.59
CZ7 436 C . -3.58 14.22 4.06
CH7 436 C . -3.93 15.46 4.59
CZ8 436 C . -4.32 16.49 3.75
CE8 436 C . -4.40 16.31 2.37
F5 436 C . -3.88 15.71 5.92
CB6 436 C . -7.69 15.73 -7.52
CB7 436 C . -2.49 16.95 -5.62
CG7 436 C . -2.65 17.91 -6.81
OG8 436 C . -5.02 18.31 -0.43
P PO4 D . -9.47 11.33 -6.50
O1 PO4 D . -10.08 12.07 -5.32
O2 PO4 D . -8.24 10.57 -6.03
O3 PO4 D . -10.54 10.41 -7.01
O4 PO4 D . -9.05 12.32 -7.56
#